data_4N15
#
_entry.id   4N15
#
_cell.length_a   96.190
_cell.length_b   101.781
_cell.length_c   55.522
_cell.angle_alpha   90.000
_cell.angle_beta   90.000
_cell.angle_gamma   90.000
#
_symmetry.space_group_name_H-M   'C 2 2 21'
#
loop_
_entity.id
_entity.type
_entity.pdbx_description
1 polymer 'TRAP dicarboxylate transporter, DctP subunit'
2 non-polymer 'MAGNESIUM ION'
3 non-polymer 'beta-D-glucopyranuronic acid'
4 water water
#
_entity_poly.entity_id   1
_entity_poly.type   'polypeptide(L)'
_entity_poly.pdbx_seq_one_letter_code
;MTHRFPRSRTALAVALMAGFAMSAQARVFRSADVHGDSFPTNMAVKFMGDELSKLTGGKDSIKVFGNSALGSEKDTVDQV
RIGAIDMARVNGASFNEIVPESLIPSFPFLFRDVDHFRKAMYGPAGQKILDAFAAKGMIALTFYESGARSIYAKRPVRTP
ADMKGLKVRVQPSDLMVDEIRAMGGTPTPMPFAEVYTGLKTGLVDAAENNLPSYEETKHFEVAPDYSETQHAMTPEVLVF
SKKIWDTLSPQEQAAIRKAAADSVPYYQKLWTAREASAQQAVTKGGANILPAAQVDRAAFVKAMQPLWTKYEKTPQMKQI
VDEIEATKAENLYFQ
;
_entity_poly.pdbx_strand_id   A
#
loop_
_chem_comp.id
_chem_comp.type
_chem_comp.name
_chem_comp.formula
BDP D-saccharide, beta linking 'beta-D-glucopyranuronic acid' 'C6 H10 O7'
MG non-polymer 'MAGNESIUM ION' 'Mg 2'
#
# COMPACT_ATOMS: atom_id res chain seq x y z
N ARG A 27 -19.08 20.05 1.99
CA ARG A 27 -17.92 20.79 1.52
C ARG A 27 -17.13 19.94 0.53
N VAL A 28 -16.14 20.53 -0.13
CA VAL A 28 -15.19 19.73 -0.91
C VAL A 28 -14.10 19.19 0.02
N PHE A 29 -14.07 17.87 0.21
CA PHE A 29 -13.00 17.29 1.01
C PHE A 29 -11.75 17.13 0.17
N ARG A 30 -10.61 17.56 0.68
CA ARG A 30 -9.36 17.44 -0.06
C ARG A 30 -8.70 16.12 0.28
N SER A 31 -8.31 15.36 -0.73
CA SER A 31 -7.69 14.07 -0.51
C SER A 31 -6.38 13.94 -1.30
N ALA A 32 -5.39 13.31 -0.68
CA ALA A 32 -4.05 13.16 -1.24
C ALA A 32 -3.80 11.76 -1.80
N ASP A 33 -3.04 11.69 -2.88
CA ASP A 33 -2.54 10.44 -3.41
C ASP A 33 -1.20 10.69 -4.13
N VAL A 34 -0.26 9.77 -3.94
CA VAL A 34 1.00 9.84 -4.70
C VAL A 34 0.85 9.54 -6.19
N HIS A 35 -0.17 8.75 -6.54
CA HIS A 35 -0.35 8.29 -7.91
C HIS A 35 -0.98 9.38 -8.77
N GLY A 36 -0.88 9.17 -10.08
CA GLY A 36 -1.52 10.04 -11.04
C GLY A 36 -3.03 9.91 -11.13
N ASP A 37 -3.64 10.88 -11.80
CA ASP A 37 -5.09 10.99 -11.84
C ASP A 37 -5.79 9.74 -12.38
N SER A 38 -5.14 9.04 -13.31
CA SER A 38 -5.78 7.94 -13.99
C SER A 38 -5.51 6.62 -13.28
N PHE A 39 -4.78 6.66 -12.17
CA PHE A 39 -4.38 5.42 -11.51
C PHE A 39 -5.59 4.88 -10.75
N PRO A 40 -5.68 3.55 -10.54
CA PRO A 40 -6.88 3.05 -9.88
C PRO A 40 -7.24 3.65 -8.51
N THR A 41 -6.27 3.98 -7.66
CA THR A 41 -6.59 4.55 -6.36
C THR A 41 -7.24 5.93 -6.49
N ASN A 42 -6.68 6.77 -7.37
CA ASN A 42 -7.23 8.11 -7.57
C ASN A 42 -8.64 8.00 -8.16
N MET A 43 -8.80 7.12 -9.15
CA MET A 43 -10.09 6.94 -9.77
C MET A 43 -11.15 6.46 -8.78
N ALA A 44 -10.75 5.57 -7.86
CA ALA A 44 -11.70 5.04 -6.89
C ALA A 44 -12.15 6.09 -5.91
N VAL A 45 -11.24 6.95 -5.47
CA VAL A 45 -11.65 7.99 -4.52
C VAL A 45 -12.46 9.09 -5.24
N LYS A 46 -12.20 9.32 -6.52
CA LYS A 46 -13.03 10.25 -7.29
C LYS A 46 -14.43 9.68 -7.47
N PHE A 47 -14.52 8.38 -7.70
CA PHE A 47 -15.80 7.68 -7.75
C PHE A 47 -16.53 7.79 -6.41
N MET A 48 -15.82 7.54 -5.30
CA MET A 48 -16.42 7.72 -3.97
C MET A 48 -17.00 9.12 -3.81
N GLY A 49 -16.26 10.12 -4.26
CA GLY A 49 -16.70 11.50 -4.19
C GLY A 49 -17.99 11.80 -4.93
N ASP A 50 -18.09 11.28 -6.15
CA ASP A 50 -19.31 11.40 -6.94
C ASP A 50 -20.48 10.75 -6.20
N GLU A 51 -20.28 9.55 -5.69
CA GLU A 51 -21.31 8.88 -4.92
C GLU A 51 -21.69 9.67 -3.67
N LEU A 52 -20.69 10.24 -3.01
CA LEU A 52 -20.91 10.94 -1.75
C LEU A 52 -21.77 12.16 -1.99
N SER A 53 -21.50 12.84 -3.11
CA SER A 53 -22.29 14.00 -3.46
C SER A 53 -23.79 13.69 -3.43
N LYS A 54 -24.17 12.64 -4.14
CA LYS A 54 -25.56 12.23 -4.24
C LYS A 54 -26.18 11.81 -2.91
N LEU A 55 -25.41 11.09 -2.09
CA LEU A 55 -25.87 10.62 -0.79
C LEU A 55 -26.03 11.74 0.24
N THR A 56 -25.52 12.93 -0.06
CA THR A 56 -25.57 14.03 0.90
C THR A 56 -26.36 15.23 0.39
N GLY A 57 -27.03 15.07 -0.75
CA GLY A 57 -27.84 16.15 -1.29
C GLY A 57 -26.98 17.31 -1.71
N GLY A 58 -25.79 16.99 -2.20
CA GLY A 58 -24.87 17.97 -2.77
C GLY A 58 -24.02 18.67 -1.75
N LYS A 59 -24.21 18.34 -0.48
CA LYS A 59 -23.39 18.93 0.56
C LYS A 59 -21.90 18.64 0.31
N ASP A 60 -21.56 17.38 0.03
CA ASP A 60 -20.18 16.94 0.04
C ASP A 60 -19.65 16.42 -1.32
N SER A 61 -18.35 16.55 -1.53
CA SER A 61 -17.68 15.93 -2.66
C SER A 61 -16.19 15.78 -2.29
N ILE A 62 -15.42 15.19 -3.19
CA ILE A 62 -14.01 14.97 -2.94
C ILE A 62 -13.17 15.41 -4.12
N LYS A 63 -12.09 16.11 -3.83
CA LYS A 63 -11.10 16.37 -4.86
C LYS A 63 -9.81 15.67 -4.49
N VAL A 64 -9.30 14.88 -5.43
CA VAL A 64 -8.05 14.14 -5.24
C VAL A 64 -6.86 14.83 -5.89
N PHE A 65 -5.89 15.21 -5.06
CA PHE A 65 -4.68 15.86 -5.51
C PHE A 65 -3.64 14.77 -5.65
N GLY A 66 -3.36 14.37 -6.88
CA GLY A 66 -2.44 13.28 -7.13
C GLY A 66 -1.01 13.76 -7.25
N ASN A 67 -0.15 12.86 -7.70
CA ASN A 67 1.25 13.17 -8.02
C ASN A 67 2.09 13.69 -6.86
N SER A 68 1.72 13.29 -5.66
CA SER A 68 2.39 13.73 -4.45
C SER A 68 2.34 15.26 -4.30
N ALA A 69 1.32 15.90 -4.90
CA ALA A 69 1.22 17.36 -4.88
C ALA A 69 1.19 17.92 -3.45
N LEU A 70 0.48 17.25 -2.55
CA LEU A 70 0.38 17.72 -1.16
C LEU A 70 1.50 17.23 -0.26
N GLY A 71 2.40 16.42 -0.82
CA GLY A 71 3.51 15.92 -0.06
C GLY A 71 3.70 14.43 -0.20
N SER A 72 4.74 13.93 0.47
CA SER A 72 4.96 12.49 0.58
C SER A 72 3.82 11.83 1.35
N GLU A 73 3.78 10.50 1.32
CA GLU A 73 2.80 9.81 2.16
C GLU A 73 2.94 10.19 3.64
N LYS A 74 4.18 10.25 4.13
CA LYS A 74 4.42 10.59 5.52
C LYS A 74 3.84 11.97 5.86
N ASP A 75 4.12 12.94 4.99
CA ASP A 75 3.68 14.30 5.19
C ASP A 75 2.16 14.36 5.17
N THR A 76 1.53 13.66 4.22
CA THR A 76 0.09 13.78 4.10
C THR A 76 -0.63 13.10 5.26
N VAL A 77 -0.06 12.00 5.77
CA VAL A 77 -0.60 11.39 6.97
C VAL A 77 -0.52 12.38 8.16
N ASP A 78 0.60 13.06 8.35
CA ASP A 78 0.67 14.01 9.45
C ASP A 78 -0.36 15.13 9.26
N GLN A 79 -0.53 15.57 8.01
CA GLN A 79 -1.54 16.59 7.71
C GLN A 79 -2.98 16.13 7.96
N VAL A 80 -3.28 14.88 7.66
CA VAL A 80 -4.61 14.35 7.95
C VAL A 80 -4.84 14.33 9.47
N ARG A 81 -3.82 13.92 10.21
CA ARG A 81 -3.97 13.85 11.67
C ARG A 81 -4.22 15.20 12.35
N ILE A 82 -3.67 16.28 11.81
CA ILE A 82 -3.92 17.61 12.39
C ILE A 82 -5.12 18.31 11.76
N GLY A 83 -5.73 17.69 10.76
CA GLY A 83 -6.89 18.26 10.08
C GLY A 83 -6.57 19.28 9.00
N ALA A 84 -5.32 19.34 8.57
CA ALA A 84 -4.91 20.30 7.55
C ALA A 84 -5.36 19.85 6.17
N ILE A 85 -5.50 18.53 5.97
CA ILE A 85 -6.19 18.01 4.80
C ILE A 85 -7.22 17.01 5.31
N ASP A 86 -8.25 16.76 4.52
CA ASP A 86 -9.39 15.99 5.02
C ASP A 86 -9.16 14.49 4.94
N MET A 87 -8.46 14.06 3.89
CA MET A 87 -8.37 12.64 3.58
C MET A 87 -7.05 12.32 2.89
N ALA A 88 -6.61 11.05 2.98
CA ALA A 88 -5.48 10.58 2.17
C ALA A 88 -5.64 9.11 1.89
N ARG A 89 -5.31 8.74 0.67
CA ARG A 89 -5.22 7.34 0.26
C ARG A 89 -3.74 7.01 0.25
N VAL A 90 -3.29 6.22 1.23
CA VAL A 90 -1.86 5.94 1.39
C VAL A 90 -1.66 4.44 1.57
N ASN A 91 -0.41 4.02 1.48
CA ASN A 91 -0.09 2.62 1.64
C ASN A 91 0.01 2.30 3.12
N GLY A 92 -0.38 1.09 3.51
CA GLY A 92 -0.35 0.67 4.90
C GLY A 92 1.00 0.82 5.57
N ALA A 93 2.10 0.69 4.82
CA ALA A 93 3.44 0.84 5.42
C ALA A 93 3.63 2.20 6.07
N SER A 94 2.91 3.20 5.57
CA SER A 94 3.06 4.56 6.03
C SER A 94 2.47 4.83 7.41
N PHE A 95 1.86 3.80 8.00
CA PHE A 95 1.28 3.90 9.33
C PHE A 95 2.05 3.02 10.33
N ASN A 96 3.08 2.34 9.88
CA ASN A 96 3.74 1.32 10.70
C ASN A 96 4.36 1.80 12.00
N GLU A 97 4.73 3.09 12.08
CA GLU A 97 5.23 3.66 13.33
C GLU A 97 4.18 4.46 14.09
N ILE A 98 2.95 4.46 13.60
CA ILE A 98 1.86 5.21 14.21
C ILE A 98 0.78 4.29 14.75
N VAL A 99 0.31 3.37 13.91
CA VAL A 99 -0.73 2.41 14.27
C VAL A 99 -0.09 1.03 14.23
N PRO A 100 0.21 0.46 15.40
CA PRO A 100 0.85 -0.86 15.46
C PRO A 100 0.11 -1.93 14.64
N GLU A 101 -1.22 -1.93 14.68
CA GLU A 101 -1.96 -2.95 13.94
C GLU A 101 -1.69 -2.87 12.44
N SER A 102 -1.22 -1.73 11.95
CA SER A 102 -0.94 -1.62 10.53
C SER A 102 0.26 -2.44 10.09
N LEU A 103 1.12 -2.80 11.04
CA LEU A 103 2.25 -3.67 10.72
C LEU A 103 1.78 -5.02 10.18
N ILE A 104 0.72 -5.56 10.77
CA ILE A 104 0.30 -6.92 10.48
C ILE A 104 0.11 -7.25 8.99
N PRO A 105 -0.70 -6.47 8.26
CA PRO A 105 -0.89 -6.88 6.86
C PRO A 105 0.30 -6.60 5.94
N SER A 106 1.38 -6.00 6.48
CA SER A 106 2.67 -5.88 5.78
C SER A 106 3.62 -7.04 6.16
N PHE A 107 3.20 -7.90 7.09
CA PHE A 107 3.99 -9.08 7.43
C PHE A 107 4.30 -9.87 6.19
N PRO A 108 5.53 -10.35 6.08
CA PRO A 108 5.92 -11.07 4.87
C PRO A 108 5.32 -12.48 4.79
N PHE A 109 4.69 -12.74 3.64
CA PHE A 109 4.08 -14.05 3.33
C PHE A 109 2.95 -14.41 4.31
N LEU A 110 2.25 -13.41 4.80
CA LEU A 110 1.09 -13.64 5.67
C LEU A 110 -0.14 -14.11 4.86
N PHE A 111 -0.35 -13.50 3.70
CA PHE A 111 -1.49 -13.86 2.87
C PHE A 111 -1.08 -14.91 1.84
N ARG A 112 -1.89 -15.95 1.64
CA ARG A 112 -1.59 -17.02 0.72
C ARG A 112 -1.66 -16.54 -0.72
N ASP A 113 -2.62 -15.66 -0.96
CA ASP A 113 -2.95 -15.18 -2.29
C ASP A 113 -3.94 -14.04 -2.16
N VAL A 114 -4.35 -13.50 -3.29
CA VAL A 114 -5.25 -12.35 -3.30
C VAL A 114 -6.61 -12.67 -2.72
N ASP A 115 -7.14 -13.85 -3.03
CA ASP A 115 -8.43 -14.26 -2.49
C ASP A 115 -8.38 -14.29 -0.96
N HIS A 116 -7.26 -14.73 -0.41
CA HIS A 116 -7.09 -14.73 1.04
C HIS A 116 -7.06 -13.30 1.59
N PHE A 117 -6.25 -12.45 0.96
CA PHE A 117 -6.22 -11.04 1.34
C PHE A 117 -7.64 -10.43 1.35
N ARG A 118 -8.41 -10.67 0.31
CA ARG A 118 -9.72 -10.06 0.25
C ARG A 118 -10.64 -10.57 1.36
N LYS A 119 -10.65 -11.88 1.58
CA LYS A 119 -11.57 -12.45 2.54
C LYS A 119 -11.26 -11.99 3.97
N ALA A 120 -9.98 -11.95 4.31
CA ALA A 120 -9.57 -11.58 5.65
C ALA A 120 -9.66 -10.07 5.87
N MET A 121 -9.26 -9.28 4.87
CA MET A 121 -9.16 -7.84 5.07
C MET A 121 -10.52 -7.14 4.97
N TYR A 122 -11.48 -7.74 4.26
CA TYR A 122 -12.88 -7.26 4.26
C TYR A 122 -13.75 -8.11 5.16
N GLY A 123 -13.15 -8.61 6.22
CA GLY A 123 -13.85 -9.35 7.26
C GLY A 123 -13.50 -8.74 8.60
N PRO A 124 -13.88 -9.42 9.68
CA PRO A 124 -13.69 -8.89 11.03
C PRO A 124 -12.25 -8.61 11.39
N ALA A 125 -11.28 -9.35 10.84
CA ALA A 125 -9.88 -9.13 11.20
C ALA A 125 -9.43 -7.79 10.63
N GLY A 126 -9.84 -7.55 9.39
CA GLY A 126 -9.51 -6.27 8.76
C GLY A 126 -10.17 -5.13 9.50
N GLN A 127 -11.39 -5.35 9.95
CA GLN A 127 -12.10 -4.34 10.74
C GLN A 127 -11.33 -3.96 12.01
N LYS A 128 -10.77 -4.93 12.70
CA LYS A 128 -10.03 -4.61 13.91
C LYS A 128 -8.84 -3.70 13.58
N ILE A 129 -8.21 -3.93 12.44
CA ILE A 129 -7.08 -3.09 12.03
C ILE A 129 -7.58 -1.66 11.76
N LEU A 130 -8.70 -1.53 11.05
CA LEU A 130 -9.27 -0.20 10.79
C LEU A 130 -9.58 0.52 12.09
N ASP A 131 -10.15 -0.22 13.04
CA ASP A 131 -10.60 0.37 14.29
C ASP A 131 -9.44 1.05 15.04
N ALA A 132 -8.26 0.46 14.96
CA ALA A 132 -7.08 0.98 15.66
C ALA A 132 -6.61 2.37 15.21
N PHE A 133 -7.06 2.82 14.05
CA PHE A 133 -6.64 4.12 13.55
C PHE A 133 -7.23 5.26 14.35
N ALA A 134 -8.39 5.03 14.96
CA ALA A 134 -9.14 6.11 15.59
C ALA A 134 -8.39 6.74 16.77
N ALA A 135 -7.67 5.93 17.53
CA ALA A 135 -6.89 6.48 18.65
C ALA A 135 -5.73 7.38 18.19
N LYS A 136 -5.44 7.33 16.90
CA LYS A 136 -4.32 8.09 16.33
C LYS A 136 -4.83 9.20 15.40
N GLY A 137 -6.08 9.63 15.63
CA GLY A 137 -6.63 10.80 14.97
C GLY A 137 -7.03 10.59 13.53
N MET A 138 -7.29 9.34 13.16
CA MET A 138 -7.73 9.01 11.82
C MET A 138 -8.89 8.05 11.83
N ILE A 139 -9.81 8.24 10.88
CA ILE A 139 -10.85 7.26 10.62
C ILE A 139 -10.44 6.49 9.38
N ALA A 140 -10.13 5.20 9.54
CA ALA A 140 -9.76 4.36 8.42
C ALA A 140 -11.02 3.79 7.78
N LEU A 141 -11.37 4.35 6.63
CA LEU A 141 -12.66 4.07 6.02
C LEU A 141 -12.72 2.74 5.29
N THR A 142 -11.65 2.41 4.59
CA THR A 142 -11.59 1.16 3.83
C THR A 142 -10.16 0.81 3.49
N PHE A 143 -9.91 -0.46 3.25
CA PHE A 143 -8.74 -0.90 2.53
C PHE A 143 -9.01 -0.96 1.04
N TYR A 144 -7.93 -0.83 0.29
CA TYR A 144 -7.87 -1.26 -1.10
C TYR A 144 -6.70 -2.23 -1.27
N GLU A 145 -6.89 -3.28 -2.04
CA GLU A 145 -5.82 -4.22 -2.34
C GLU A 145 -4.71 -3.53 -3.14
N SER A 146 -3.48 -4.04 -3.01
CA SER A 146 -2.33 -3.48 -3.71
C SER A 146 -1.46 -4.58 -4.30
N GLY A 147 -2.08 -5.71 -4.63
CA GLY A 147 -1.32 -6.80 -5.17
C GLY A 147 -0.24 -7.23 -4.22
N ALA A 148 0.81 -7.83 -4.78
CA ALA A 148 1.96 -8.27 -4.02
C ALA A 148 3.14 -7.45 -4.47
N ARG A 149 3.94 -7.03 -3.50
CA ARG A 149 5.20 -6.32 -3.76
C ARG A 149 6.35 -7.28 -4.09
N SER A 150 7.12 -6.96 -5.13
CA SER A 150 8.23 -7.78 -5.57
C SER A 150 9.45 -6.90 -5.88
N ILE A 151 10.64 -7.47 -5.69
CA ILE A 151 11.88 -6.80 -6.00
C ILE A 151 12.06 -6.56 -7.49
N TYR A 152 12.47 -5.35 -7.83
CA TYR A 152 13.06 -5.10 -9.14
C TYR A 152 14.40 -4.43 -9.04
N ALA A 153 15.22 -4.70 -10.04
CA ALA A 153 16.64 -4.32 -10.03
C ALA A 153 17.23 -4.44 -11.44
N LYS A 154 18.55 -4.38 -11.53
CA LYS A 154 19.22 -4.49 -12.81
C LYS A 154 19.81 -5.89 -12.97
N ARG A 155 19.44 -6.78 -12.04
CA ARG A 155 19.69 -8.21 -12.21
C ARG A 155 18.55 -9.02 -11.59
N PRO A 156 18.33 -10.24 -12.07
CA PRO A 156 17.29 -11.06 -11.45
C PRO A 156 17.68 -11.50 -10.06
N VAL A 157 16.68 -11.91 -9.28
CA VAL A 157 16.85 -12.23 -7.88
C VAL A 157 16.03 -13.49 -7.64
N ARG A 158 16.72 -14.62 -7.41
CA ARG A 158 16.05 -15.88 -7.11
C ARG A 158 16.18 -16.28 -5.65
N THR A 159 17.25 -15.80 -4.99
CA THR A 159 17.50 -16.06 -3.57
C THR A 159 18.14 -14.85 -2.92
N PRO A 160 18.28 -14.88 -1.59
CA PRO A 160 18.98 -13.84 -0.81
C PRO A 160 20.38 -13.53 -1.27
N ALA A 161 21.15 -14.54 -1.65
CA ALA A 161 22.50 -14.27 -2.14
C ALA A 161 22.45 -13.25 -3.25
N ASP A 162 21.38 -13.31 -4.07
CA ASP A 162 21.27 -12.42 -5.20
C ASP A 162 20.98 -10.99 -4.74
N MET A 163 20.43 -10.87 -3.52
CA MET A 163 20.11 -9.57 -2.93
C MET A 163 21.37 -8.86 -2.41
N LYS A 164 22.43 -9.62 -2.13
CA LYS A 164 23.59 -9.05 -1.48
C LYS A 164 24.21 -7.89 -2.25
N GLY A 165 24.36 -6.75 -1.57
CA GLY A 165 25.03 -5.59 -2.15
C GLY A 165 24.09 -4.64 -2.90
N LEU A 166 22.84 -5.03 -3.10
CA LEU A 166 21.87 -4.15 -3.73
C LEU A 166 21.50 -3.01 -2.78
N LYS A 167 21.55 -1.77 -3.27
CA LYS A 167 20.99 -0.64 -2.55
C LYS A 167 19.52 -0.56 -2.94
N VAL A 168 18.66 -1.03 -2.04
CA VAL A 168 17.23 -1.20 -2.31
C VAL A 168 16.41 -0.11 -1.60
N ARG A 169 15.71 0.72 -2.36
CA ARG A 169 14.85 1.70 -1.76
C ARG A 169 13.71 0.98 -1.08
N VAL A 170 13.39 1.42 0.12
CA VAL A 170 12.18 1.00 0.80
C VAL A 170 11.39 2.22 1.24
N GLN A 171 10.13 2.01 1.62
CA GLN A 171 9.35 2.98 2.32
C GLN A 171 9.94 3.24 3.71
N PRO A 172 9.69 4.40 4.29
CA PRO A 172 10.18 4.75 5.64
C PRO A 172 9.35 4.07 6.74
N SER A 173 9.57 2.78 6.85
CA SER A 173 8.93 1.88 7.82
C SER A 173 10.02 0.95 8.39
N ASP A 174 10.12 0.86 9.72
CA ASP A 174 11.10 -0.03 10.33
C ASP A 174 10.92 -1.48 9.87
N LEU A 175 9.67 -1.90 9.75
CA LEU A 175 9.37 -3.24 9.26
C LEU A 175 9.87 -3.43 7.83
N MET A 176 9.60 -2.47 6.95
CA MET A 176 10.07 -2.64 5.59
C MET A 176 11.61 -2.63 5.47
N VAL A 177 12.27 -1.79 6.25
CA VAL A 177 13.73 -1.83 6.38
C VAL A 177 14.15 -3.23 6.81
N ASP A 178 13.55 -3.75 7.87
CA ASP A 178 13.88 -5.11 8.31
C ASP A 178 13.60 -6.20 7.24
N GLU A 179 12.51 -6.07 6.49
CA GLU A 179 12.17 -7.06 5.49
C GLU A 179 13.27 -7.15 4.40
N ILE A 180 13.70 -6.00 3.87
CA ILE A 180 14.68 -5.99 2.81
C ILE A 180 16.05 -6.44 3.32
N ARG A 181 16.38 -6.10 4.56
CA ARG A 181 17.66 -6.50 5.15
C ARG A 181 17.66 -8.01 5.26
N ALA A 182 16.55 -8.56 5.71
CA ALA A 182 16.41 -10.02 5.84
C ALA A 182 16.49 -10.76 4.50
N MET A 183 16.06 -10.11 3.43
CA MET A 183 16.20 -10.64 2.07
C MET A 183 17.65 -10.59 1.56
N GLY A 184 18.50 -9.83 2.24
CA GLY A 184 19.91 -9.73 1.90
C GLY A 184 20.32 -8.41 1.26
N GLY A 185 19.38 -7.49 1.11
CA GLY A 185 19.71 -6.23 0.49
C GLY A 185 20.05 -5.18 1.54
N THR A 186 20.44 -4.01 1.06
CA THR A 186 20.76 -2.88 1.92
C THR A 186 19.67 -1.84 1.74
N PRO A 187 18.77 -1.73 2.72
CA PRO A 187 17.62 -0.84 2.56
C PRO A 187 17.93 0.64 2.78
N THR A 188 17.30 1.50 1.99
CA THR A 188 17.42 2.94 2.15
C THR A 188 16.05 3.54 1.97
N PRO A 189 15.56 4.22 3.00
CA PRO A 189 14.22 4.79 2.91
C PRO A 189 14.17 6.04 2.06
N MET A 190 13.17 6.12 1.19
CA MET A 190 12.95 7.30 0.37
C MET A 190 11.48 7.44 0.03
N PRO A 191 11.03 8.70 -0.14
CA PRO A 191 9.66 8.92 -0.64
C PRO A 191 9.46 8.39 -2.07
N PHE A 192 8.24 7.92 -2.32
CA PHE A 192 7.88 7.28 -3.59
C PHE A 192 8.24 8.16 -4.79
N ALA A 193 7.90 9.45 -4.74
CA ALA A 193 8.14 10.34 -5.89
C ALA A 193 9.62 10.44 -6.30
N GLU A 194 10.53 10.13 -5.37
CA GLU A 194 11.96 10.28 -5.63
C GLU A 194 12.65 9.03 -6.14
N VAL A 195 11.93 7.91 -6.20
CA VAL A 195 12.57 6.62 -6.51
C VAL A 195 13.05 6.56 -7.94
N TYR A 196 12.27 7.09 -8.87
CA TYR A 196 12.67 7.02 -10.27
C TYR A 196 14.02 7.68 -10.49
N THR A 197 14.19 8.89 -9.96
CA THR A 197 15.45 9.63 -10.10
C THR A 197 16.58 8.89 -9.40
N GLY A 198 16.27 8.32 -8.25
CA GLY A 198 17.20 7.47 -7.53
C GLY A 198 17.74 6.33 -8.35
N LEU A 199 16.86 5.62 -9.06
CA LEU A 199 17.30 4.52 -9.92
C LEU A 199 18.05 5.02 -11.15
N LYS A 200 17.55 6.09 -11.76
CA LYS A 200 18.12 6.54 -13.03
C LYS A 200 19.57 7.02 -12.86
N THR A 201 19.87 7.54 -11.68
CA THR A 201 21.19 8.13 -11.39
C THR A 201 22.03 7.28 -10.42
N GLY A 202 21.57 6.07 -10.11
CA GLY A 202 22.40 5.15 -9.34
C GLY A 202 22.47 5.35 -7.84
N LEU A 203 21.73 6.29 -7.28
CA LEU A 203 21.65 6.42 -5.83
C LEU A 203 21.18 5.11 -5.20
N VAL A 204 20.23 4.46 -5.86
CA VAL A 204 19.81 3.14 -5.49
C VAL A 204 19.81 2.34 -6.77
N ASP A 205 19.81 1.03 -6.64
CA ASP A 205 19.77 0.20 -7.84
C ASP A 205 18.66 -0.82 -7.83
N ALA A 206 17.71 -0.68 -6.90
CA ALA A 206 16.59 -1.58 -6.81
C ALA A 206 15.51 -0.99 -5.90
N ALA A 207 14.31 -1.54 -5.99
CA ALA A 207 13.19 -1.17 -5.13
C ALA A 207 12.20 -2.32 -5.19
N GLU A 208 11.04 -2.14 -4.60
CA GLU A 208 10.04 -3.20 -4.64
C GLU A 208 8.65 -2.61 -4.66
N ASN A 209 7.76 -3.31 -5.38
CA ASN A 209 6.41 -2.83 -5.58
C ASN A 209 5.61 -3.76 -6.44
N ASN A 210 4.32 -3.46 -6.57
CA ASN A 210 3.47 -4.19 -7.49
C ASN A 210 3.72 -3.75 -8.93
N LEU A 211 3.16 -4.48 -9.88
CA LEU A 211 3.40 -4.20 -11.29
C LEU A 211 2.82 -2.86 -11.76
N PRO A 212 1.60 -2.51 -11.35
CA PRO A 212 1.06 -1.21 -11.77
C PRO A 212 1.95 -0.04 -11.32
N SER A 213 2.53 -0.12 -10.13
CA SER A 213 3.40 0.94 -9.65
C SER A 213 4.76 0.95 -10.38
N TYR A 214 5.28 -0.23 -10.59
CA TYR A 214 6.48 -0.44 -11.42
C TYR A 214 6.32 0.25 -12.79
N GLU A 215 5.13 0.13 -13.38
CA GLU A 215 4.88 0.70 -14.70
C GLU A 215 4.67 2.20 -14.64
N GLU A 216 3.78 2.64 -13.73
CA GLU A 216 3.32 4.03 -13.68
C GLU A 216 4.50 5.00 -13.56
N THR A 217 5.43 4.61 -12.69
CA THR A 217 6.60 5.43 -12.35
C THR A 217 7.75 5.34 -13.34
N LYS A 218 7.64 4.44 -14.31
CA LYS A 218 8.73 4.12 -15.24
C LYS A 218 9.96 3.52 -14.59
N HIS A 219 9.81 2.95 -13.39
CA HIS A 219 10.96 2.27 -12.77
C HIS A 219 11.46 1.12 -13.65
N PHE A 220 10.52 0.51 -14.38
CA PHE A 220 10.85 -0.59 -15.26
C PHE A 220 11.80 -0.20 -16.37
N GLU A 221 11.94 1.09 -16.67
CA GLU A 221 12.88 1.50 -17.73
C GLU A 221 14.33 1.46 -17.27
N VAL A 222 14.54 1.68 -15.99
CA VAL A 222 15.89 1.78 -15.46
C VAL A 222 16.22 0.59 -14.55
N ALA A 223 15.21 -0.18 -14.15
CA ALA A 223 15.42 -1.39 -13.36
C ALA A 223 14.60 -2.55 -13.94
N PRO A 224 15.07 -3.12 -15.06
CA PRO A 224 14.24 -3.97 -15.94
C PRO A 224 14.05 -5.41 -15.48
N ASP A 225 14.68 -5.82 -14.40
CA ASP A 225 14.55 -7.19 -13.91
C ASP A 225 13.60 -7.18 -12.72
N TYR A 226 12.38 -7.67 -12.98
CA TYR A 226 11.35 -7.71 -11.97
C TYR A 226 11.22 -9.18 -11.52
N SER A 227 11.56 -9.43 -10.28
CA SER A 227 11.60 -10.80 -9.77
C SER A 227 10.51 -11.00 -8.74
N GLU A 228 9.62 -11.94 -9.02
CA GLU A 228 8.42 -12.10 -8.22
C GLU A 228 8.65 -12.77 -6.87
N THR A 229 9.34 -12.06 -5.98
CA THR A 229 9.47 -12.46 -4.58
C THR A 229 8.14 -12.43 -3.83
N GLN A 230 7.24 -11.55 -4.24
CA GLN A 230 5.91 -11.42 -3.65
C GLN A 230 5.98 -11.48 -2.13
N HIS A 231 6.92 -10.72 -1.59
CA HIS A 231 7.25 -10.76 -0.15
C HIS A 231 6.21 -10.08 0.77
N ALA A 232 5.37 -9.21 0.23
CA ALA A 232 4.33 -8.55 1.03
C ALA A 232 3.10 -8.26 0.19
N MET A 233 1.93 -8.19 0.83
CA MET A 233 0.68 -7.84 0.14
C MET A 233 -0.01 -6.70 0.93
N THR A 234 0.83 -5.79 1.41
CA THR A 234 0.40 -4.56 2.09
C THR A 234 -0.83 -3.94 1.42
N PRO A 235 -1.82 -3.53 2.22
CA PRO A 235 -2.99 -2.87 1.64
C PRO A 235 -2.78 -1.38 1.49
N GLU A 236 -3.57 -0.77 0.63
CA GLU A 236 -3.79 0.65 0.76
C GLU A 236 -4.83 0.89 1.85
N VAL A 237 -4.79 2.07 2.43
CA VAL A 237 -5.79 2.50 3.40
C VAL A 237 -6.26 3.91 3.06
N LEU A 238 -7.59 4.11 3.11
CA LEU A 238 -8.16 5.43 2.92
C LEU A 238 -8.51 5.96 4.31
N VAL A 239 -7.84 7.05 4.71
CA VAL A 239 -8.06 7.65 6.00
C VAL A 239 -8.68 9.05 5.88
N PHE A 240 -9.53 9.34 6.86
CA PHE A 240 -10.22 10.59 6.97
C PHE A 240 -9.78 11.25 8.29
N SER A 241 -9.57 12.56 8.29
CA SER A 241 -9.13 13.24 9.50
C SER A 241 -10.18 13.17 10.61
N LYS A 242 -9.83 12.60 11.77
CA LYS A 242 -10.81 12.47 12.85
C LYS A 242 -11.25 13.83 13.37
N LYS A 243 -10.36 14.84 13.35
CA LYS A 243 -10.73 16.16 13.84
C LYS A 243 -11.87 16.75 13.03
N ILE A 244 -11.82 16.53 11.71
CA ILE A 244 -12.89 16.93 10.81
C ILE A 244 -14.09 16.01 10.95
N TRP A 245 -13.84 14.70 10.96
CA TRP A 245 -14.92 13.72 11.18
C TRP A 245 -15.79 13.99 12.41
N ASP A 246 -15.15 14.36 13.52
CA ASP A 246 -15.86 14.54 14.78
C ASP A 246 -16.87 15.68 14.76
N THR A 247 -16.76 16.55 13.75
CA THR A 247 -17.70 17.66 13.55
C THR A 247 -18.89 17.31 12.66
N LEU A 248 -18.93 16.10 12.14
CA LEU A 248 -20.01 15.68 11.25
C LEU A 248 -21.09 14.89 12.02
N SER A 249 -22.31 14.92 11.51
CA SER A 249 -23.41 14.17 12.11
C SER A 249 -23.24 12.70 11.76
N PRO A 250 -23.94 11.83 12.50
CA PRO A 250 -23.91 10.41 12.16
C PRO A 250 -24.43 10.13 10.74
N GLN A 251 -25.42 10.88 10.26
CA GLN A 251 -25.90 10.64 8.89
C GLN A 251 -24.84 10.96 7.85
N GLU A 252 -24.12 12.05 8.06
CA GLU A 252 -23.06 12.43 7.15
C GLU A 252 -21.92 11.41 7.20
N GLN A 253 -21.58 10.96 8.39
CA GLN A 253 -20.54 9.97 8.55
C GLN A 253 -20.93 8.69 7.84
N ALA A 254 -22.17 8.28 8.02
CA ALA A 254 -22.64 7.04 7.42
C ALA A 254 -22.62 7.13 5.90
N ALA A 255 -22.93 8.31 5.35
CA ALA A 255 -22.86 8.53 3.91
C ALA A 255 -21.43 8.35 3.41
N ILE A 256 -20.47 8.89 4.14
CA ILE A 256 -19.07 8.80 3.75
C ILE A 256 -18.61 7.32 3.78
N ARG A 257 -19.02 6.62 4.84
CA ARG A 257 -18.64 5.21 4.98
C ARG A 257 -19.25 4.36 3.87
N LYS A 258 -20.49 4.66 3.50
CA LYS A 258 -21.13 3.88 2.43
C LYS A 258 -20.44 4.13 1.09
N ALA A 259 -20.13 5.40 0.82
CA ALA A 259 -19.46 5.74 -0.41
C ALA A 259 -18.09 5.04 -0.49
N ALA A 260 -17.36 5.02 0.61
CA ALA A 260 -16.06 4.34 0.65
C ALA A 260 -16.21 2.84 0.40
N ALA A 261 -17.19 2.22 1.06
CA ALA A 261 -17.40 0.78 0.88
C ALA A 261 -17.78 0.47 -0.57
N ASP A 262 -18.64 1.32 -1.15
CA ASP A 262 -19.12 1.12 -2.50
C ASP A 262 -18.01 1.32 -3.55
N SER A 263 -16.96 2.02 -3.18
CA SER A 263 -15.85 2.24 -4.11
C SER A 263 -14.98 1.01 -4.31
N VAL A 264 -15.06 0.03 -3.41
CA VAL A 264 -14.13 -1.10 -3.44
C VAL A 264 -14.34 -1.99 -4.66
N PRO A 265 -15.60 -2.40 -4.96
CA PRO A 265 -15.74 -3.22 -6.19
C PRO A 265 -15.38 -2.43 -7.47
N TYR A 266 -15.60 -1.12 -7.47
CA TYR A 266 -15.17 -0.29 -8.57
C TYR A 266 -13.64 -0.33 -8.70
N TYR A 267 -12.96 -0.14 -7.57
CA TYR A 267 -11.49 -0.21 -7.52
C TYR A 267 -11.00 -1.59 -8.00
N GLN A 268 -11.65 -2.64 -7.51
CA GLN A 268 -11.22 -3.98 -7.86
C GLN A 268 -11.27 -4.26 -9.36
N LYS A 269 -12.31 -3.79 -10.03
CA LYS A 269 -12.37 -3.95 -11.49
C LYS A 269 -11.19 -3.22 -12.16
N LEU A 270 -10.92 -1.99 -11.72
CA LEU A 270 -9.80 -1.25 -12.28
C LEU A 270 -8.47 -1.91 -11.97
N TRP A 271 -8.33 -2.42 -10.75
CA TRP A 271 -7.03 -2.92 -10.28
C TRP A 271 -6.70 -4.25 -10.94
N THR A 272 -7.70 -5.12 -11.04
CA THR A 272 -7.46 -6.41 -11.69
C THR A 272 -7.07 -6.18 -13.15
N ALA A 273 -7.73 -5.25 -13.84
CA ALA A 273 -7.38 -4.95 -15.21
C ALA A 273 -5.98 -4.32 -15.31
N ARG A 274 -5.63 -3.47 -14.33
CA ARG A 274 -4.35 -2.80 -14.33
C ARG A 274 -3.16 -3.74 -14.08
N GLU A 275 -3.37 -4.71 -13.20
CA GLU A 275 -2.35 -5.75 -13.01
C GLU A 275 -2.01 -6.40 -14.33
N ALA A 276 -3.04 -6.76 -15.10
CA ALA A 276 -2.82 -7.42 -16.37
C ALA A 276 -2.17 -6.50 -17.41
N SER A 277 -2.67 -5.27 -17.51
CA SER A 277 -2.15 -4.39 -18.55
C SER A 277 -0.74 -3.90 -18.23
N ALA A 278 -0.44 -3.75 -16.94
CA ALA A 278 0.88 -3.34 -16.50
C ALA A 278 1.90 -4.40 -16.85
N GLN A 279 1.54 -5.65 -16.61
CA GLN A 279 2.46 -6.73 -16.92
C GLN A 279 2.80 -6.74 -18.42
N GLN A 280 1.79 -6.61 -19.26
CA GLN A 280 2.03 -6.59 -20.70
C GLN A 280 2.84 -5.35 -21.10
N ALA A 281 2.48 -4.19 -20.54
CA ALA A 281 3.17 -2.95 -20.88
C ALA A 281 4.66 -2.96 -20.51
N VAL A 282 5.01 -3.45 -19.33
CA VAL A 282 6.43 -3.42 -18.94
C VAL A 282 7.24 -4.44 -19.74
N THR A 283 6.59 -5.56 -20.09
CA THR A 283 7.23 -6.60 -20.86
C THR A 283 7.53 -6.09 -22.28
N LYS A 284 6.54 -5.46 -22.88
CA LYS A 284 6.72 -4.84 -24.18
C LYS A 284 7.77 -3.72 -24.10
N GLY A 285 7.83 -3.04 -22.95
CA GLY A 285 8.83 -2.01 -22.73
C GLY A 285 10.17 -2.52 -22.24
N GLY A 286 10.42 -3.81 -22.39
CA GLY A 286 11.75 -4.36 -22.22
C GLY A 286 12.05 -5.02 -20.88
N ALA A 287 11.08 -5.03 -19.99
CA ALA A 287 11.32 -5.60 -18.68
C ALA A 287 11.21 -7.11 -18.72
N ASN A 288 11.97 -7.76 -17.85
CA ASN A 288 11.97 -9.21 -17.78
C ASN A 288 11.45 -9.68 -16.44
N ILE A 289 10.31 -10.37 -16.47
CA ILE A 289 9.64 -10.80 -15.26
C ILE A 289 10.06 -12.22 -14.98
N LEU A 290 10.65 -12.42 -13.81
CA LEU A 290 10.99 -13.72 -13.31
C LEU A 290 9.79 -14.22 -12.51
N PRO A 291 9.07 -15.24 -13.03
CA PRO A 291 7.90 -15.75 -12.33
C PRO A 291 8.17 -16.25 -10.90
N ALA A 292 7.19 -16.07 -10.01
CA ALA A 292 7.29 -16.50 -8.62
C ALA A 292 7.78 -17.96 -8.50
N ALA A 293 7.30 -18.80 -9.39
CA ALA A 293 7.68 -20.22 -9.38
C ALA A 293 9.19 -20.43 -9.54
N GLN A 294 9.90 -19.47 -10.14
CA GLN A 294 11.34 -19.60 -10.37
C GLN A 294 12.17 -18.90 -9.28
N VAL A 295 11.49 -18.22 -8.38
CA VAL A 295 12.15 -17.56 -7.27
C VAL A 295 12.13 -18.49 -6.09
N ASP A 296 13.27 -18.59 -5.40
CA ASP A 296 13.35 -19.51 -4.28
C ASP A 296 12.56 -18.94 -3.13
N ARG A 297 11.26 -19.14 -3.23
CA ARG A 297 10.37 -18.75 -2.18
C ARG A 297 10.90 -19.30 -0.86
N ALA A 298 11.42 -20.54 -0.87
CA ALA A 298 11.91 -21.19 0.35
C ALA A 298 12.99 -20.37 1.04
N ALA A 299 13.96 -19.92 0.27
CA ALA A 299 15.03 -19.12 0.83
C ALA A 299 14.48 -17.83 1.49
N PHE A 300 13.49 -17.18 0.85
CA PHE A 300 12.96 -15.91 1.38
C PHE A 300 12.04 -16.09 2.57
N VAL A 301 11.26 -17.15 2.55
CA VAL A 301 10.42 -17.43 3.70
C VAL A 301 11.31 -17.75 4.92
N LYS A 302 12.42 -18.47 4.69
CA LYS A 302 13.35 -18.82 5.78
C LYS A 302 13.77 -17.54 6.46
N ALA A 303 14.28 -16.63 5.63
CA ALA A 303 14.91 -15.41 6.09
C ALA A 303 13.96 -14.43 6.75
N MET A 304 12.73 -14.33 6.27
CA MET A 304 11.86 -13.21 6.69
C MET A 304 10.90 -13.54 7.82
N GLN A 305 10.73 -14.83 8.09
CA GLN A 305 9.66 -15.28 8.95
C GLN A 305 9.72 -14.81 10.43
N PRO A 306 10.93 -14.70 11.02
CA PRO A 306 11.03 -14.23 12.41
C PRO A 306 10.51 -12.83 12.68
N LEU A 307 10.29 -12.04 11.63
CA LEU A 307 9.92 -10.65 11.83
C LEU A 307 8.51 -10.57 12.42
N TRP A 308 7.68 -11.59 12.17
CA TRP A 308 6.32 -11.57 12.70
C TRP A 308 6.38 -11.48 14.22
N THR A 309 7.19 -12.34 14.82
CA THR A 309 7.29 -12.35 16.28
C THR A 309 7.93 -11.06 16.82
N LYS A 310 8.88 -10.49 16.08
CA LYS A 310 9.47 -9.21 16.45
C LYS A 310 8.42 -8.09 16.52
N TYR A 311 7.47 -8.06 15.57
CA TYR A 311 6.49 -6.98 15.51
C TYR A 311 5.10 -7.23 16.14
N GLU A 312 4.88 -8.39 16.75
CA GLU A 312 3.67 -8.60 17.55
C GLU A 312 3.77 -7.97 18.97
N LYS A 313 3.47 -6.68 19.06
CA LYS A 313 3.70 -5.93 20.30
C LYS A 313 2.55 -6.01 21.34
N THR A 314 1.50 -6.76 21.05
CA THR A 314 0.42 -6.94 22.00
C THR A 314 -0.31 -8.25 21.76
N PRO A 315 -1.11 -8.68 22.74
CA PRO A 315 -1.96 -9.84 22.51
C PRO A 315 -3.02 -9.53 21.46
N GLN A 316 -3.43 -8.28 21.32
CA GLN A 316 -4.42 -7.95 20.31
C GLN A 316 -3.85 -8.14 18.90
N MET A 317 -2.56 -7.84 18.70
CA MET A 317 -1.95 -8.06 17.41
C MET A 317 -1.81 -9.56 17.10
N LYS A 318 -1.44 -10.35 18.11
CA LYS A 318 -1.35 -11.79 17.92
C LYS A 318 -2.70 -12.33 17.52
N GLN A 319 -3.78 -11.79 18.09
CA GLN A 319 -5.12 -12.32 17.81
C GLN A 319 -5.55 -11.97 16.38
N ILE A 320 -5.21 -10.77 15.95
CA ILE A 320 -5.51 -10.37 14.58
C ILE A 320 -4.77 -11.25 13.57
N VAL A 321 -3.50 -11.50 13.82
CA VAL A 321 -2.75 -12.35 12.94
C VAL A 321 -3.42 -13.73 12.88
N ASP A 322 -3.79 -14.25 14.03
CA ASP A 322 -4.45 -15.57 14.09
C ASP A 322 -5.78 -15.58 13.32
N GLU A 323 -6.51 -14.47 13.37
CA GLU A 323 -7.81 -14.42 12.72
C GLU A 323 -7.61 -14.38 11.20
N ILE A 324 -6.58 -13.70 10.76
CA ILE A 324 -6.23 -13.68 9.35
C ILE A 324 -5.84 -15.09 8.89
N GLU A 325 -4.94 -15.77 9.63
CA GLU A 325 -4.48 -17.08 9.23
C GLU A 325 -5.62 -18.10 9.22
N ALA A 326 -6.61 -17.91 10.09
CA ALA A 326 -7.70 -18.88 10.22
C ALA A 326 -8.76 -18.68 9.13
N THR A 327 -8.62 -17.63 8.34
CA THR A 327 -9.58 -17.37 7.28
C THR A 327 -9.32 -18.28 6.09
MG MG B . -0.44 -17.03 16.16
C1 BDP C . 2.48 1.74 -3.78
C2 BDP C . 1.38 2.38 -3.01
C3 BDP C . 1.76 3.77 -2.82
C4 BDP C . 3.11 3.86 -2.05
C5 BDP C . 4.14 3.18 -2.94
C6 BDP C . 5.52 3.23 -2.27
O2 BDP C . 0.26 2.42 -3.93
O3 BDP C . 0.71 4.36 -2.00
O4 BDP C . 3.50 5.25 -1.86
O5 BDP C . 3.76 1.79 -3.13
O6A BDP C . 5.84 4.26 -1.64
O1 BDP C . 2.25 0.35 -3.97
O6B BDP C . 6.24 2.23 -2.43
#